data_8TN6
#
_entry.id   8TN6
#
_cell.length_a   91.252
_cell.length_b   91.252
_cell.length_c   201.951
_cell.angle_alpha   90.000
_cell.angle_beta   90.000
_cell.angle_gamma   120.000
#
_symmetry.space_group_name_H-M   'P 61 2 2'
#
loop_
_entity.id
_entity.type
_entity.pdbx_description
1 polymer 'De novo designed protein'
2 non-polymer Rucaparib
3 water water
#
_entity_poly.entity_id   1
_entity_poly.type   'polypeptide(L)'
_entity_poly.pdbx_seq_one_letter_code
;SDAQEILSRLNSVLEAAWKTILNLASATDAAEKAYKEGREEDLATYLDQAASYQSQVDQYAVETVRLLAELKKVFPDEEA
DRALQIAEKLLKTVQEASKTLDTAVAAAANGDEETFAKAFNQFVSLGNQADTLFTQLQRTLTNLNKK
;
_entity_poly.pdbx_strand_id   A,B,C
#
loop_
_chem_comp.id
_chem_comp.type
_chem_comp.name
_chem_comp.formula
RPB non-polymer Rucaparib 'C19 H18 F N3 O'
#
# COMPACT_ATOMS: atom_id res chain seq x y z
N SER A 1 14.24 7.36 13.98
CA SER A 1 15.40 7.92 14.72
C SER A 1 14.92 8.78 15.88
N ASP A 2 15.69 8.76 16.97
CA ASP A 2 15.41 9.57 18.15
C ASP A 2 14.21 9.02 18.93
N ALA A 3 14.49 8.53 20.14
CA ALA A 3 13.47 7.83 20.91
C ALA A 3 12.27 8.72 21.21
N GLN A 4 12.47 10.03 21.39
CA GLN A 4 11.32 10.87 21.71
C GLN A 4 10.44 11.06 20.48
N GLU A 5 11.04 11.18 19.30
CA GLU A 5 10.26 11.20 18.07
C GLU A 5 9.53 9.88 17.87
N ILE A 6 10.20 8.76 18.16
CA ILE A 6 9.57 7.46 17.97
C ILE A 6 8.34 7.35 18.85
N LEU A 7 8.46 7.67 20.14
CA LEU A 7 7.32 7.57 21.05
C LEU A 7 6.19 8.50 20.65
N SER A 8 6.52 9.68 20.13
CA SER A 8 5.47 10.61 19.71
C SER A 8 4.75 10.11 18.46
N ARG A 9 5.50 9.58 17.48
CA ARG A 9 4.87 8.96 16.31
C ARG A 9 4.00 7.78 16.73
N LEU A 10 4.45 7.01 17.71
CA LEU A 10 3.70 5.85 18.18
C LEU A 10 2.36 6.29 18.75
N ASN A 11 2.37 7.31 19.60
CA ASN A 11 1.13 7.82 20.15
C ASN A 11 0.19 8.26 19.03
N SER A 12 0.72 8.94 18.01
CA SER A 12 -0.12 9.37 16.90
C SER A 12 -0.68 8.19 16.14
N VAL A 13 0.13 7.16 15.93
CA VAL A 13 -0.34 6.00 15.19
C VAL A 13 -1.46 5.31 15.95
N LEU A 14 -1.30 5.14 17.27
CA LEU A 14 -2.33 4.43 18.02
C LEU A 14 -3.58 5.28 18.16
N GLU A 15 -3.45 6.61 18.23
CA GLU A 15 -4.64 7.44 18.25
C GLU A 15 -5.42 7.30 16.95
N ALA A 16 -4.72 7.34 15.82
CA ALA A 16 -5.36 7.16 14.52
C ALA A 16 -5.96 5.76 14.40
N ALA A 17 -5.22 4.75 14.84
CA ALA A 17 -5.71 3.38 14.72
C ALA A 17 -6.98 3.18 15.54
N TRP A 18 -7.04 3.77 16.73
CA TRP A 18 -8.25 3.60 17.52
C TRP A 18 -9.47 4.19 16.82
N LYS A 19 -9.33 5.31 16.13
CA LYS A 19 -10.46 5.84 15.39
C LYS A 19 -10.87 4.88 14.29
N THR A 20 -9.89 4.30 13.60
CA THR A 20 -10.19 3.37 12.53
C THR A 20 -10.86 2.12 13.09
N ILE A 21 -10.42 1.64 14.24
CA ILE A 21 -11.05 0.50 14.91
C ILE A 21 -12.52 0.82 15.22
N LEU A 22 -12.79 2.03 15.74
CA LEU A 22 -14.17 2.40 16.00
C LEU A 22 -14.98 2.37 14.72
N ASN A 23 -14.42 2.85 13.63
CA ASN A 23 -15.16 2.82 12.37
C ASN A 23 -15.31 1.38 11.86
N LEU A 24 -14.33 0.54 12.09
CA LEU A 24 -14.44 -0.86 11.72
C LEU A 24 -15.56 -1.52 12.52
N ALA A 25 -15.64 -1.22 13.82
CA ALA A 25 -16.69 -1.81 14.62
C ALA A 25 -18.06 -1.37 14.14
N SER A 26 -18.23 -0.11 13.75
CA SER A 26 -19.53 0.35 13.27
C SER A 26 -19.91 -0.36 11.98
N ALA A 27 -18.95 -0.56 11.09
CA ALA A 27 -19.25 -1.24 9.84
C ALA A 27 -19.59 -2.69 10.09
N THR A 28 -18.87 -3.32 11.02
CA THR A 28 -19.13 -4.71 11.36
C THR A 28 -20.52 -4.86 11.94
N ASP A 29 -20.92 -3.97 12.84
CA ASP A 29 -22.24 -4.04 13.43
C ASP A 29 -23.32 -3.78 12.41
N ALA A 30 -23.09 -2.86 11.47
CA ALA A 30 -24.06 -2.64 10.41
C ALA A 30 -24.17 -3.86 9.51
N ALA A 31 -23.05 -4.53 9.23
CA ALA A 31 -23.08 -5.75 8.44
C ALA A 31 -23.89 -6.82 9.15
N GLU A 32 -23.70 -6.99 10.45
CA GLU A 32 -24.48 -7.99 11.19
C GLU A 32 -25.96 -7.69 11.08
N LYS A 33 -26.34 -6.42 11.20
CA LYS A 33 -27.75 -6.07 11.13
C LYS A 33 -28.29 -6.35 9.75
N ALA A 34 -27.53 -6.02 8.71
CA ALA A 34 -28.00 -6.28 7.35
C ALA A 34 -28.14 -7.77 7.11
N TYR A 35 -27.21 -8.55 7.63
CA TYR A 35 -27.32 -10.01 7.52
C TYR A 35 -28.59 -10.52 8.19
N LYS A 36 -28.82 -10.10 9.43
CA LYS A 36 -29.96 -10.61 10.17
C LYS A 36 -31.25 -10.22 9.50
N GLU A 37 -31.30 -9.03 8.91
CA GLU A 37 -32.50 -8.53 8.24
C GLU A 37 -32.64 -8.99 6.79
N GLY A 38 -31.65 -9.70 6.26
CA GLY A 38 -31.74 -10.25 4.94
C GLY A 38 -31.53 -9.26 3.82
N ARG A 39 -30.81 -8.18 4.07
CA ARG A 39 -30.57 -7.19 3.04
C ARG A 39 -29.15 -7.41 2.51
N GLU A 40 -29.03 -8.27 1.52
CA GLU A 40 -27.72 -8.70 1.07
C GLU A 40 -26.98 -7.61 0.33
N GLU A 41 -27.65 -6.68 -0.33
CA GLU A 41 -26.91 -5.62 -0.99
C GLU A 41 -26.33 -4.64 0.04
N ASP A 42 -27.07 -4.38 1.11
CA ASP A 42 -26.54 -3.56 2.19
C ASP A 42 -25.35 -4.27 2.80
N LEU A 43 -25.49 -5.56 3.06
CA LEU A 43 -24.40 -6.33 3.64
C LEU A 43 -23.13 -6.20 2.81
N ALA A 44 -23.27 -6.24 1.50
CA ALA A 44 -22.09 -6.14 0.63
C ALA A 44 -21.38 -4.82 0.84
N THR A 45 -22.14 -3.72 0.93
CA THR A 45 -21.53 -2.41 1.13
C THR A 45 -20.81 -2.34 2.46
N TYR A 46 -21.43 -2.84 3.53
CA TYR A 46 -20.80 -2.78 4.83
C TYR A 46 -19.57 -3.66 4.89
N LEU A 47 -19.60 -4.82 4.26
CA LEU A 47 -18.41 -5.69 4.25
C LEU A 47 -17.28 -5.03 3.49
N ASP A 48 -17.57 -4.36 2.39
CA ASP A 48 -16.53 -3.66 1.68
C ASP A 48 -15.93 -2.55 2.53
N GLN A 49 -16.76 -1.83 3.28
CA GLN A 49 -16.24 -0.80 4.17
C GLN A 49 -15.39 -1.44 5.25
N ALA A 50 -15.86 -2.51 5.84
CA ALA A 50 -15.06 -3.18 6.85
C ALA A 50 -13.72 -3.63 6.30
N ALA A 51 -13.71 -4.19 5.09
CA ALA A 51 -12.45 -4.66 4.52
C ALA A 51 -11.47 -3.50 4.37
N SER A 52 -11.96 -2.32 3.96
CA SER A 52 -11.10 -1.16 3.81
C SER A 52 -10.53 -0.76 5.15
N TYR A 53 -11.37 -0.64 6.17
CA TYR A 53 -10.88 -0.28 7.49
C TYR A 53 -9.93 -1.32 8.03
N GLN A 54 -10.22 -2.59 7.81
CA GLN A 54 -9.32 -3.61 8.31
C GLN A 54 -7.94 -3.48 7.69
N SER A 55 -7.85 -3.16 6.39
CA SER A 55 -6.53 -3.01 5.77
C SER A 55 -5.79 -1.84 6.39
N GLN A 56 -6.50 -0.80 6.78
CA GLN A 56 -5.88 0.34 7.45
C GLN A 56 -5.42 -0.04 8.84
N VAL A 57 -6.19 -0.82 9.59
CA VAL A 57 -5.77 -1.26 10.92
C VAL A 57 -4.50 -2.09 10.78
N ASP A 58 -4.50 -3.01 9.81
CA ASP A 58 -3.33 -3.84 9.58
C ASP A 58 -2.10 -2.98 9.33
N GLN A 59 -2.24 -1.94 8.52
CA GLN A 59 -1.09 -1.07 8.23
C GLN A 59 -0.64 -0.35 9.48
N TYR A 60 -1.57 0.17 10.28
CA TYR A 60 -1.17 0.84 11.50
C TYR A 60 -0.51 -0.11 12.48
N ALA A 61 -0.95 -1.37 12.53
CA ALA A 61 -0.33 -2.34 13.42
C ALA A 61 1.08 -2.67 12.97
N VAL A 62 1.31 -2.75 11.65
CA VAL A 62 2.66 -2.93 11.13
C VAL A 62 3.53 -1.74 11.52
N GLU A 63 3.02 -0.53 11.34
CA GLU A 63 3.79 0.65 11.68
C GLU A 63 4.14 0.64 13.15
N THR A 64 3.23 0.20 14.00
CA THR A 64 3.44 0.17 15.44
C THR A 64 4.58 -0.78 15.78
N VAL A 65 4.57 -1.96 15.18
CA VAL A 65 5.66 -2.90 15.39
C VAL A 65 6.97 -2.27 14.93
N ARG A 66 6.98 -1.66 13.75
CA ARG A 66 8.25 -1.12 13.25
C ARG A 66 8.78 -0.02 14.16
N LEU A 67 7.92 0.85 14.66
CA LEU A 67 8.37 1.89 15.57
C LEU A 67 8.92 1.29 16.86
N LEU A 68 8.24 0.30 17.43
CA LEU A 68 8.74 -0.28 18.67
C LEU A 68 9.98 -1.11 18.43
N ALA A 69 10.12 -1.70 17.24
CA ALA A 69 11.37 -2.38 16.93
C ALA A 69 12.50 -1.37 16.88
N GLU A 70 12.27 -0.19 16.31
CA GLU A 70 13.27 0.85 16.31
C GLU A 70 13.61 1.25 17.74
N LEU A 71 12.59 1.41 18.58
CA LEU A 71 12.83 1.88 19.94
C LEU A 71 13.70 0.88 20.68
N LYS A 72 13.48 -0.41 20.42
CA LYS A 72 14.25 -1.44 21.09
C LYS A 72 15.71 -1.46 20.63
N LYS A 73 15.98 -1.06 19.39
CA LYS A 73 17.36 -0.96 18.94
C LYS A 73 18.05 0.23 19.59
N VAL A 74 17.34 1.34 19.80
CA VAL A 74 17.97 2.53 20.34
C VAL A 74 18.11 2.44 21.86
N PHE A 75 17.14 1.82 22.55
CA PHE A 75 17.17 1.67 24.01
C PHE A 75 16.82 0.23 24.38
N PRO A 76 17.79 -0.67 24.27
CA PRO A 76 17.54 -2.12 24.46
C PRO A 76 17.37 -2.58 25.92
N ASP A 77 16.17 -2.41 26.44
CA ASP A 77 15.83 -2.85 27.80
C ASP A 77 14.64 -3.82 27.77
N GLU A 78 14.34 -4.38 28.94
CA GLU A 78 13.23 -5.33 29.05
C GLU A 78 11.90 -4.66 28.75
N GLU A 79 11.76 -3.38 29.08
CA GLU A 79 10.49 -2.70 28.92
C GLU A 79 10.21 -2.43 27.44
N ALA A 80 11.24 -2.08 26.67
CA ALA A 80 11.08 -1.96 25.22
C ALA A 80 10.76 -3.31 24.59
N ASP A 81 11.44 -4.37 25.02
CA ASP A 81 11.15 -5.68 24.48
C ASP A 81 9.73 -6.10 24.81
N ARG A 82 9.25 -5.76 26.00
CA ARG A 82 7.89 -6.10 26.38
C ARG A 82 6.89 -5.39 25.50
N ALA A 83 7.08 -4.09 25.27
CA ALA A 83 6.15 -3.33 24.44
C ALA A 83 6.13 -3.88 23.02
N LEU A 84 7.31 -4.21 22.48
CA LEU A 84 7.37 -4.77 21.13
C LEU A 84 6.65 -6.11 21.07
N GLN A 85 6.80 -6.94 22.09
CA GLN A 85 6.16 -8.25 22.03
C GLN A 85 4.65 -8.13 22.03
N ILE A 86 4.10 -7.16 22.79
CA ILE A 86 2.66 -6.94 22.77
C ILE A 86 2.23 -6.49 21.39
N ALA A 87 2.99 -5.57 20.81
CA ALA A 87 2.64 -5.05 19.49
C ALA A 87 2.72 -6.14 18.43
N GLU A 88 3.68 -7.05 18.53
CA GLU A 88 3.75 -8.15 17.59
C GLU A 88 2.55 -9.08 17.75
N LYS A 89 2.09 -9.29 18.97
CA LYS A 89 0.92 -10.14 19.15
C LYS A 89 -0.34 -9.44 18.67
N LEU A 90 -0.44 -8.13 18.88
CA LEU A 90 -1.53 -7.35 18.29
C LEU A 90 -1.53 -7.49 16.78
N LEU A 91 -0.36 -7.34 16.14
CA LEU A 91 -0.31 -7.45 14.68
C LEU A 91 -0.75 -8.82 14.23
N LYS A 92 -0.29 -9.87 14.90
CA LYS A 92 -0.71 -11.22 14.58
C LYS A 92 -2.22 -11.35 14.68
N THR A 93 -2.81 -10.75 15.70
CA THR A 93 -4.24 -10.90 15.90
C THR A 93 -5.01 -10.15 14.84
N VAL A 94 -4.58 -8.92 14.50
CA VAL A 94 -5.29 -8.17 13.48
C VAL A 94 -5.13 -8.84 12.13
N GLN A 95 -3.97 -9.41 11.84
CA GLN A 95 -3.84 -10.12 10.57
C GLN A 95 -4.70 -11.38 10.55
N GLU A 96 -4.88 -12.05 11.69
CA GLU A 96 -5.82 -13.16 11.71
C GLU A 96 -7.25 -12.68 11.48
N ALA A 97 -7.61 -11.54 12.09
CA ALA A 97 -8.91 -10.93 11.82
C ALA A 97 -9.06 -10.64 10.33
N SER A 98 -8.02 -10.11 9.70
CA SER A 98 -8.08 -9.79 8.28
C SER A 98 -8.33 -11.04 7.45
N LYS A 99 -7.61 -12.13 7.73
CA LYS A 99 -7.80 -13.39 7.01
C LYS A 99 -9.22 -13.88 7.19
N THR A 100 -9.75 -13.73 8.41
CA THR A 100 -11.10 -14.21 8.70
C THR A 100 -12.14 -13.36 8.00
N LEU A 101 -11.94 -12.04 7.98
CA LEU A 101 -12.83 -11.18 7.22
C LEU A 101 -12.80 -11.54 5.75
N ASP A 102 -11.63 -11.87 5.20
CA ASP A 102 -11.54 -12.25 3.80
C ASP A 102 -12.44 -13.46 3.53
N THR A 103 -12.39 -14.44 4.42
CA THR A 103 -13.26 -15.62 4.31
C THR A 103 -14.72 -15.22 4.34
N ALA A 104 -15.08 -14.32 5.25
CA ALA A 104 -16.48 -13.90 5.34
C ALA A 104 -16.92 -13.17 4.09
N VAL A 105 -16.09 -12.25 3.58
CA VAL A 105 -16.44 -11.47 2.42
C VAL A 105 -16.58 -12.37 1.20
N ALA A 106 -15.68 -13.33 1.01
CA ALA A 106 -15.81 -14.25 -0.10
C ALA A 106 -17.07 -15.09 0.04
N ALA A 107 -17.38 -15.54 1.25
CA ALA A 107 -18.57 -16.36 1.45
C ALA A 107 -19.84 -15.58 1.14
N ALA A 108 -19.90 -14.32 1.56
CA ALA A 108 -21.06 -13.50 1.24
C ALA A 108 -21.16 -13.24 -0.26
N ALA A 109 -20.04 -13.06 -0.94
CA ALA A 109 -20.08 -12.84 -2.38
C ALA A 109 -20.43 -14.13 -3.13
N ASN A 110 -20.04 -15.29 -2.60
CA ASN A 110 -20.32 -16.60 -3.18
C ASN A 110 -21.69 -17.13 -2.77
N GLY A 111 -22.39 -16.45 -1.88
CA GLY A 111 -23.71 -16.89 -1.42
C GLY A 111 -23.65 -18.13 -0.55
N ASP A 112 -22.67 -18.23 0.32
CA ASP A 112 -22.47 -19.34 1.24
C ASP A 112 -22.65 -18.76 2.63
N GLU A 113 -23.90 -18.73 3.08
CA GLU A 113 -24.27 -18.05 4.33
C GLU A 113 -23.71 -18.77 5.54
N GLU A 114 -23.66 -20.10 5.52
CA GLU A 114 -23.12 -20.83 6.66
C GLU A 114 -21.66 -20.46 6.90
N THR A 115 -20.85 -20.44 5.83
CA THR A 115 -19.47 -20.03 6.00
C THR A 115 -19.38 -18.56 6.42
N PHE A 116 -20.21 -17.70 5.82
CA PHE A 116 -20.17 -16.29 6.17
C PHE A 116 -20.41 -16.09 7.67
N ALA A 117 -21.48 -16.69 8.19
CA ALA A 117 -21.85 -16.43 9.57
C ALA A 117 -20.80 -16.95 10.52
N LYS A 118 -20.22 -18.12 10.25
CA LYS A 118 -19.19 -18.66 11.11
C LYS A 118 -17.97 -17.75 11.12
N ALA A 119 -17.55 -17.30 9.94
CA ALA A 119 -16.36 -16.47 9.85
C ALA A 119 -16.61 -15.10 10.47
N PHE A 120 -17.81 -14.55 10.27
CA PHE A 120 -18.13 -13.27 10.86
C PHE A 120 -18.07 -13.32 12.37
N ASN A 121 -18.58 -14.40 12.98
CA ASN A 121 -18.51 -14.49 14.44
C ASN A 121 -17.08 -14.69 14.92
N GLN A 122 -16.28 -15.45 14.16
CA GLN A 122 -14.85 -15.53 14.49
C GLN A 122 -14.18 -14.17 14.36
N PHE A 123 -14.60 -13.36 13.37
CA PHE A 123 -14.03 -12.03 13.17
C PHE A 123 -14.25 -11.15 14.39
N VAL A 124 -15.48 -11.15 14.92
CA VAL A 124 -15.79 -10.36 16.09
C VAL A 124 -14.99 -10.84 17.31
N SER A 125 -14.86 -12.17 17.48
CA SER A 125 -14.12 -12.66 18.62
C SER A 125 -12.65 -12.23 18.56
N LEU A 126 -12.05 -12.26 17.35
CA LEU A 126 -10.69 -11.76 17.19
C LEU A 126 -10.61 -10.28 17.47
N GLY A 127 -11.66 -9.53 17.11
CA GLY A 127 -11.68 -8.12 17.44
C GLY A 127 -11.64 -7.85 18.94
N ASN A 128 -12.39 -8.64 19.72
CA ASN A 128 -12.35 -8.42 21.15
C ASN A 128 -10.99 -8.80 21.72
N GLN A 129 -10.35 -9.84 21.18
CA GLN A 129 -8.99 -10.16 21.56
C GLN A 129 -8.01 -9.05 21.18
N ALA A 130 -8.13 -8.49 19.99
CA ALA A 130 -7.25 -7.41 19.60
C ALA A 130 -7.46 -6.20 20.49
N ASP A 131 -8.71 -5.91 20.85
CA ASP A 131 -8.98 -4.78 21.74
C ASP A 131 -8.24 -4.92 23.06
N THR A 132 -8.21 -6.14 23.62
CA THR A 132 -7.51 -6.36 24.87
C THR A 132 -6.03 -6.04 24.72
N LEU A 133 -5.42 -6.53 23.64
CA LEU A 133 -4.00 -6.27 23.40
C LEU A 133 -3.75 -4.79 23.14
N PHE A 134 -4.67 -4.13 22.43
CA PHE A 134 -4.48 -2.71 22.13
C PHE A 134 -4.46 -1.89 23.43
N THR A 135 -5.37 -2.22 24.33
CA THR A 135 -5.41 -1.54 25.63
C THR A 135 -4.19 -1.87 26.47
N GLN A 136 -3.74 -3.12 26.47
CA GLN A 136 -2.50 -3.49 27.15
C GLN A 136 -1.33 -2.70 26.57
N LEU A 137 -1.30 -2.54 25.25
CA LEU A 137 -0.20 -1.81 24.64
C LEU A 137 -0.20 -0.36 25.10
N GLN A 138 -1.38 0.29 25.11
CA GLN A 138 -1.46 1.65 25.63
C GLN A 138 -0.91 1.76 27.06
N ARG A 139 -1.22 0.79 27.94
CA ARG A 139 -0.75 0.90 29.31
C ARG A 139 0.77 0.76 29.37
N THR A 140 1.32 -0.10 28.53
CA THR A 140 2.76 -0.28 28.49
C THR A 140 3.45 0.99 28.04
N LEU A 141 2.89 1.66 27.03
CA LEU A 141 3.52 2.87 26.50
C LEU A 141 3.46 4.00 27.51
N THR A 142 2.45 4.03 28.38
CA THR A 142 2.43 5.02 29.45
C THR A 142 3.63 4.85 30.36
N ASN A 143 3.99 3.61 30.71
CA ASN A 143 5.22 3.38 31.47
C ASN A 143 6.45 3.84 30.69
N LEU A 144 6.43 3.72 29.35
CA LEU A 144 7.59 4.08 28.55
C LEU A 144 7.71 5.58 28.36
N ASN A 145 6.60 6.29 28.20
CA ASN A 145 6.65 7.73 28.01
C ASN A 145 7.01 8.45 29.30
N LYS A 146 6.57 7.92 30.44
CA LYS A 146 6.80 8.53 31.74
C LYS A 146 6.31 9.98 31.76
N LYS A 147 5.00 10.10 31.52
CA LYS A 147 4.27 11.36 31.48
C LYS A 147 4.63 12.18 30.24
N SER B 1 -30.02 -5.30 -22.69
CA SER B 1 -30.27 -6.25 -21.58
C SER B 1 -29.63 -5.72 -20.30
N ASP B 2 -30.18 -6.10 -19.14
CA ASP B 2 -29.41 -5.92 -17.91
C ASP B 2 -28.14 -6.75 -17.94
N ALA B 3 -28.19 -7.91 -18.59
CA ALA B 3 -27.02 -8.76 -18.72
C ALA B 3 -25.85 -8.00 -19.34
N GLN B 4 -26.06 -7.37 -20.50
CA GLN B 4 -24.95 -6.70 -21.16
C GLN B 4 -24.53 -5.42 -20.44
N GLU B 5 -25.34 -4.91 -19.50
CA GLU B 5 -24.85 -3.85 -18.62
C GLU B 5 -23.95 -4.43 -17.54
N ILE B 6 -24.36 -5.56 -16.96
CA ILE B 6 -23.49 -6.25 -16.02
C ILE B 6 -22.15 -6.60 -16.69
N LEU B 7 -22.21 -7.19 -17.89
CA LEU B 7 -20.98 -7.51 -18.60
C LEU B 7 -20.13 -6.26 -18.82
N SER B 8 -20.77 -5.11 -19.03
CA SER B 8 -20.01 -3.88 -19.21
C SER B 8 -19.34 -3.46 -17.91
N ARG B 9 -20.07 -3.46 -16.80
CA ARG B 9 -19.48 -3.17 -15.51
C ARG B 9 -18.30 -4.12 -15.25
N LEU B 10 -18.43 -5.39 -15.61
CA LEU B 10 -17.34 -6.35 -15.39
C LEU B 10 -16.09 -5.95 -16.14
N ASN B 11 -16.22 -5.56 -17.41
CA ASN B 11 -15.05 -5.21 -18.19
C ASN B 11 -14.34 -4.01 -17.58
N SER B 12 -15.11 -3.06 -17.04
CA SER B 12 -14.52 -1.90 -16.39
C SER B 12 -13.77 -2.30 -15.12
N VAL B 13 -14.36 -3.18 -14.32
CA VAL B 13 -13.68 -3.64 -13.10
C VAL B 13 -12.37 -4.33 -13.47
N LEU B 14 -12.41 -5.22 -14.46
CA LEU B 14 -11.19 -5.98 -14.78
C LEU B 14 -10.14 -5.10 -15.41
N GLU B 15 -10.52 -4.09 -16.18
CA GLU B 15 -9.55 -3.12 -16.66
C GLU B 15 -8.89 -2.40 -15.50
N ALA B 16 -9.68 -1.96 -14.51
CA ALA B 16 -9.09 -1.29 -13.37
C ALA B 16 -8.21 -2.24 -12.58
N ALA B 17 -8.65 -3.49 -12.43
CA ALA B 17 -7.88 -4.46 -11.67
C ALA B 17 -6.55 -4.74 -12.37
N TRP B 18 -6.53 -4.80 -13.69
CA TRP B 18 -5.26 -5.08 -14.36
C TRP B 18 -4.24 -3.96 -14.11
N LYS B 19 -4.69 -2.71 -14.08
CA LYS B 19 -3.80 -1.61 -13.79
C LYS B 19 -3.24 -1.75 -12.37
N THR B 20 -4.09 -2.11 -11.41
CA THR B 20 -3.62 -2.30 -10.05
C THR B 20 -2.61 -3.45 -9.97
N ILE B 21 -2.87 -4.52 -10.72
CA ILE B 21 -1.95 -5.65 -10.74
C ILE B 21 -0.59 -5.24 -11.28
N LEU B 22 -0.55 -4.41 -12.35
CA LEU B 22 0.74 -3.93 -12.81
C LEU B 22 1.46 -3.16 -11.71
N ASN B 23 0.71 -2.36 -10.94
CA ASN B 23 1.33 -1.63 -9.86
C ASN B 23 1.82 -2.56 -8.75
N LEU B 24 1.01 -3.55 -8.43
CA LEU B 24 1.40 -4.54 -7.42
C LEU B 24 2.64 -5.31 -7.86
N ALA B 25 2.71 -5.69 -9.15
CA ALA B 25 3.89 -6.38 -9.63
C ALA B 25 5.13 -5.51 -9.53
N SER B 26 5.02 -4.21 -9.86
CA SER B 26 6.18 -3.35 -9.75
C SER B 26 6.63 -3.20 -8.29
N ALA B 27 5.67 -3.10 -7.37
CA ALA B 27 6.02 -2.94 -5.97
C ALA B 27 6.68 -4.21 -5.45
N THR B 28 6.16 -5.36 -5.90
CA THR B 28 6.72 -6.64 -5.47
C THR B 28 8.14 -6.78 -5.96
N ASP B 29 8.37 -6.42 -7.22
CA ASP B 29 9.70 -6.52 -7.79
C ASP B 29 10.65 -5.54 -7.12
N ALA B 30 10.17 -4.34 -6.75
CA ALA B 30 11.02 -3.41 -6.04
C ALA B 30 11.35 -3.92 -4.64
N ALA B 31 10.38 -4.58 -4.00
CA ALA B 31 10.64 -5.17 -2.69
C ALA B 31 11.72 -6.24 -2.80
N GLU B 32 11.64 -7.07 -3.84
CA GLU B 32 12.64 -8.10 -4.00
C GLU B 32 14.02 -7.50 -4.19
N LYS B 33 14.13 -6.41 -4.98
CA LYS B 33 15.42 -5.76 -5.18
C LYS B 33 15.94 -5.17 -3.88
N ALA B 34 15.07 -4.52 -3.09
CA ALA B 34 15.51 -3.97 -1.83
C ALA B 34 15.98 -5.07 -0.87
N TYR B 35 15.26 -6.20 -0.86
CA TYR B 35 15.66 -7.35 -0.06
C TYR B 35 17.04 -7.87 -0.47
N LYS B 36 17.25 -8.05 -1.78
CA LYS B 36 18.58 -8.50 -2.26
C LYS B 36 19.67 -7.54 -1.81
N GLU B 37 19.41 -6.24 -1.87
CA GLU B 37 20.42 -5.24 -1.61
C GLU B 37 20.57 -4.91 -0.12
N GLY B 38 19.81 -5.56 0.75
CA GLY B 38 19.89 -5.29 2.18
C GLY B 38 19.40 -3.93 2.59
N ARG B 39 18.48 -3.33 1.80
CA ARG B 39 17.91 -2.02 2.09
C ARG B 39 16.61 -2.23 2.88
N GLU B 40 16.76 -2.40 4.21
CA GLU B 40 15.65 -2.87 5.05
C GLU B 40 14.53 -1.86 5.12
N GLU B 41 14.87 -0.59 5.22
CA GLU B 41 13.83 0.44 5.33
C GLU B 41 13.10 0.61 4.02
N ASP B 42 13.82 0.57 2.90
CA ASP B 42 13.17 0.63 1.60
C ASP B 42 12.25 -0.58 1.41
N LEU B 43 12.71 -1.76 1.79
CA LEU B 43 11.90 -2.97 1.70
C LEU B 43 10.57 -2.77 2.43
N ALA B 44 10.63 -2.23 3.64
CA ALA B 44 9.40 -2.00 4.40
C ALA B 44 8.43 -1.12 3.64
N THR B 45 8.92 -0.06 3.01
CA THR B 45 8.07 0.83 2.24
C THR B 45 7.44 0.11 1.07
N TYR B 46 8.23 -0.68 0.33
CA TYR B 46 7.68 -1.36 -0.82
C TYR B 46 6.67 -2.43 -0.40
N LEU B 47 6.91 -3.09 0.72
CA LEU B 47 5.92 -4.06 1.20
C LEU B 47 4.62 -3.37 1.58
N ASP B 48 4.69 -2.19 2.20
CA ASP B 48 3.46 -1.47 2.53
C ASP B 48 2.73 -1.06 1.26
N GLN B 49 3.46 -0.65 0.22
CA GLN B 49 2.81 -0.31 -1.03
C GLN B 49 2.15 -1.52 -1.63
N ALA B 50 2.86 -2.65 -1.62
CA ALA B 50 2.26 -3.88 -2.14
C ALA B 50 1.00 -4.24 -1.37
N ALA B 51 1.03 -4.11 -0.04
CA ALA B 51 -0.15 -4.44 0.75
C ALA B 51 -1.32 -3.56 0.38
N SER B 52 -1.09 -2.29 0.08
CA SER B 52 -2.17 -1.41 -0.30
C SER B 52 -2.74 -1.82 -1.65
N TYR B 53 -1.88 -2.09 -2.65
CA TYR B 53 -2.39 -2.57 -3.92
C TYR B 53 -3.10 -3.90 -3.76
N GLN B 54 -2.57 -4.78 -2.91
CA GLN B 54 -3.20 -6.09 -2.75
C GLN B 54 -4.63 -5.95 -2.22
N SER B 55 -4.84 -5.02 -1.30
CA SER B 55 -6.20 -4.85 -0.78
C SER B 55 -7.12 -4.34 -1.87
N GLN B 56 -6.60 -3.51 -2.79
CA GLN B 56 -7.39 -3.06 -3.92
C GLN B 56 -7.70 -4.20 -4.87
N VAL B 57 -6.72 -5.09 -5.15
CA VAL B 57 -7.01 -6.25 -6.00
C VAL B 57 -8.10 -7.11 -5.36
N ASP B 58 -8.01 -7.32 -4.05
CA ASP B 58 -9.00 -8.17 -3.39
C ASP B 58 -10.38 -7.57 -3.56
N GLN B 59 -10.48 -6.26 -3.39
CA GLN B 59 -11.77 -5.62 -3.51
C GLN B 59 -12.32 -5.77 -4.92
N TYR B 60 -11.47 -5.57 -5.94
CA TYR B 60 -11.92 -5.77 -7.31
C TYR B 60 -12.34 -7.21 -7.56
N ALA B 61 -11.64 -8.18 -6.99
CA ALA B 61 -11.99 -9.57 -7.18
C ALA B 61 -13.33 -9.89 -6.53
N VAL B 62 -13.59 -9.30 -5.37
CA VAL B 62 -14.91 -9.43 -4.73
C VAL B 62 -15.99 -8.84 -5.63
N GLU B 63 -15.75 -7.65 -6.17
CA GLU B 63 -16.76 -7.01 -7.02
C GLU B 63 -17.03 -7.84 -8.26
N THR B 64 -16.00 -8.48 -8.80
CA THR B 64 -16.16 -9.32 -9.98
C THR B 64 -17.02 -10.53 -9.68
N VAL B 65 -16.78 -11.21 -8.55
CA VAL B 65 -17.64 -12.28 -8.12
C VAL B 65 -19.08 -11.79 -7.97
N ARG B 66 -19.25 -10.63 -7.34
CA ARG B 66 -20.61 -10.14 -7.12
C ARG B 66 -21.32 -9.90 -8.44
N LEU B 67 -20.63 -9.24 -9.39
CA LEU B 67 -21.23 -8.95 -10.69
C LEU B 67 -21.60 -10.23 -11.44
N LEU B 68 -20.75 -11.26 -11.34
CA LEU B 68 -21.06 -12.52 -12.03
C LEU B 68 -22.17 -13.29 -11.33
N ALA B 69 -22.28 -13.16 -10.03
CA ALA B 69 -23.45 -13.70 -9.33
C ALA B 69 -24.71 -13.01 -9.80
N GLU B 70 -24.63 -11.71 -10.05
CA GLU B 70 -25.78 -10.96 -10.56
C GLU B 70 -26.11 -11.38 -11.99
N LEU B 71 -25.08 -11.60 -12.81
CA LEU B 71 -25.29 -12.08 -14.17
C LEU B 71 -25.95 -13.45 -14.18
N LYS B 72 -25.51 -14.35 -13.31
CA LYS B 72 -26.11 -15.68 -13.25
C LYS B 72 -27.59 -15.60 -12.91
N LYS B 73 -27.98 -14.60 -12.11
CA LYS B 73 -29.39 -14.50 -11.69
C LYS B 73 -30.27 -14.06 -12.84
N VAL B 74 -29.74 -13.26 -13.78
CA VAL B 74 -30.53 -12.87 -14.94
C VAL B 74 -30.51 -13.94 -16.04
N PHE B 75 -29.72 -15.04 -15.86
CA PHE B 75 -29.71 -16.12 -16.85
C PHE B 75 -30.69 -17.22 -16.47
N PRO B 76 -31.52 -17.69 -17.42
CA PRO B 76 -32.36 -18.86 -17.15
C PRO B 76 -31.57 -20.15 -17.07
N ASP B 77 -30.34 -20.14 -17.57
CA ASP B 77 -29.53 -21.34 -17.70
C ASP B 77 -28.24 -21.19 -16.90
N GLU B 78 -27.21 -21.98 -17.21
CA GLU B 78 -25.95 -21.93 -16.50
C GLU B 78 -24.83 -21.35 -17.38
N GLU B 79 -25.18 -20.43 -18.26
CA GLU B 79 -24.18 -19.85 -19.16
C GLU B 79 -23.08 -19.12 -18.39
N ALA B 80 -23.43 -18.46 -17.29
CA ALA B 80 -22.48 -17.66 -16.54
C ALA B 80 -21.77 -18.45 -15.46
N ASP B 81 -22.12 -19.71 -15.27
CA ASP B 81 -21.56 -20.48 -14.17
C ASP B 81 -20.05 -20.66 -14.32
N ARG B 82 -19.56 -20.92 -15.53
CA ARG B 82 -18.13 -21.15 -15.67
C ARG B 82 -17.35 -19.89 -15.31
N ALA B 83 -17.79 -18.74 -15.83
CA ALA B 83 -17.12 -17.48 -15.49
C ALA B 83 -17.17 -17.24 -13.99
N LEU B 84 -18.31 -17.50 -13.36
CA LEU B 84 -18.40 -17.29 -11.92
C LEU B 84 -17.42 -18.19 -11.18
N GLN B 85 -17.32 -19.45 -11.57
CA GLN B 85 -16.42 -20.34 -10.85
C GLN B 85 -14.98 -19.87 -11.02
N ILE B 86 -14.63 -19.37 -12.21
CA ILE B 86 -13.26 -18.90 -12.43
C ILE B 86 -13.02 -17.70 -11.53
N ALA B 87 -13.98 -16.77 -11.49
CA ALA B 87 -13.85 -15.58 -10.67
C ALA B 87 -13.75 -15.93 -9.20
N GLU B 88 -14.47 -16.95 -8.76
CA GLU B 88 -14.40 -17.35 -7.35
C GLU B 88 -13.04 -17.95 -7.05
N LYS B 89 -12.46 -18.67 -8.02
CA LYS B 89 -11.13 -19.23 -7.82
C LYS B 89 -10.07 -18.12 -7.84
N LEU B 90 -10.25 -17.12 -8.69
CA LEU B 90 -9.39 -15.95 -8.68
C LEU B 90 -9.46 -15.26 -7.32
N LEU B 91 -10.67 -15.02 -6.81
CA LEU B 91 -10.79 -14.39 -5.51
C LEU B 91 -10.10 -15.22 -4.44
N LYS B 92 -10.30 -16.54 -4.45
CA LYS B 92 -9.65 -17.38 -3.45
C LYS B 92 -8.14 -17.22 -3.53
N THR B 93 -7.61 -17.17 -4.76
CA THR B 93 -6.17 -17.08 -4.94
C THR B 93 -5.64 -15.72 -4.50
N VAL B 94 -6.33 -14.63 -4.82
CA VAL B 94 -5.83 -13.33 -4.39
C VAL B 94 -5.93 -13.20 -2.89
N GLN B 95 -6.94 -13.78 -2.28
CA GLN B 95 -7.01 -13.69 -0.82
C GLN B 95 -5.92 -14.54 -0.19
N GLU B 96 -5.56 -15.66 -0.81
CA GLU B 96 -4.41 -16.43 -0.32
C GLU B 96 -3.14 -15.60 -0.44
N ALA B 97 -3.01 -14.88 -1.54
CA ALA B 97 -1.85 -14.00 -1.72
C ALA B 97 -1.85 -12.92 -0.66
N SER B 98 -3.01 -12.38 -0.33
CA SER B 98 -3.06 -11.34 0.68
C SER B 98 -2.64 -11.87 2.04
N LYS B 99 -3.06 -13.08 2.41
CA LYS B 99 -2.69 -13.68 3.69
C LYS B 99 -1.19 -13.93 3.73
N THR B 100 -0.65 -14.40 2.60
CA THR B 100 0.78 -14.68 2.51
C THR B 100 1.59 -13.41 2.58
N LEU B 101 1.13 -12.34 1.93
CA LEU B 101 1.80 -11.04 2.06
C LEU B 101 1.77 -10.56 3.49
N ASP B 102 0.67 -10.77 4.20
CA ASP B 102 0.60 -10.37 5.61
C ASP B 102 1.71 -11.07 6.39
N THR B 103 1.87 -12.36 6.17
CA THR B 103 2.93 -13.10 6.82
C THR B 103 4.29 -12.50 6.51
N ALA B 104 4.54 -12.18 5.24
CA ALA B 104 5.83 -11.62 4.83
C ALA B 104 6.05 -10.27 5.49
N VAL B 105 5.03 -9.40 5.48
CA VAL B 105 5.16 -8.08 6.08
C VAL B 105 5.48 -8.18 7.57
N ALA B 106 4.77 -9.08 8.26
CA ALA B 106 5.02 -9.23 9.69
C ALA B 106 6.42 -9.76 9.93
N ALA B 107 6.86 -10.72 9.13
CA ALA B 107 8.18 -11.30 9.33
C ALA B 107 9.27 -10.28 9.10
N ALA B 108 9.13 -9.46 8.06
CA ALA B 108 10.11 -8.41 7.83
C ALA B 108 10.13 -7.42 8.99
N ALA B 109 8.95 -7.05 9.50
CA ALA B 109 8.86 -6.10 10.61
C ALA B 109 9.46 -6.70 11.88
N ASN B 110 9.36 -8.02 12.02
CA ASN B 110 9.83 -8.70 13.23
C ASN B 110 11.28 -9.11 13.10
N GLY B 111 11.90 -8.89 11.96
CA GLY B 111 13.28 -9.27 11.71
C GLY B 111 13.51 -10.75 11.62
N ASP B 112 12.61 -11.48 10.96
CA ASP B 112 12.69 -12.93 10.78
C ASP B 112 12.81 -13.20 9.28
N GLU B 113 14.05 -13.27 8.79
CA GLU B 113 14.27 -13.29 7.35
C GLU B 113 13.85 -14.63 6.72
N GLU B 114 14.08 -15.75 7.42
CA GLU B 114 13.69 -17.04 6.86
C GLU B 114 12.19 -17.10 6.62
N THR B 115 11.39 -16.66 7.60
CA THR B 115 9.95 -16.63 7.43
C THR B 115 9.56 -15.66 6.34
N PHE B 116 10.18 -14.49 6.32
CA PHE B 116 9.89 -13.52 5.28
C PHE B 116 10.11 -14.12 3.91
N ALA B 117 11.27 -14.73 3.70
CA ALA B 117 11.60 -15.19 2.36
C ALA B 117 10.67 -16.31 1.90
N LYS B 118 10.31 -17.23 2.81
CA LYS B 118 9.40 -18.28 2.42
C LYS B 118 8.06 -17.69 1.99
N ALA B 119 7.56 -16.73 2.77
CA ALA B 119 6.26 -16.15 2.46
C ALA B 119 6.34 -15.31 1.20
N PHE B 120 7.42 -14.55 1.02
CA PHE B 120 7.56 -13.71 -0.16
C PHE B 120 7.58 -14.56 -1.42
N ASN B 121 8.33 -15.67 -1.39
CA ASN B 121 8.39 -16.51 -2.57
C ASN B 121 7.04 -17.17 -2.86
N GLN B 122 6.32 -17.57 -1.81
CA GLN B 122 4.97 -18.06 -2.00
C GLN B 122 4.07 -17.00 -2.60
N PHE B 123 4.22 -15.76 -2.17
CA PHE B 123 3.41 -14.67 -2.70
C PHE B 123 3.62 -14.52 -4.20
N VAL B 124 4.86 -14.59 -4.65
CA VAL B 124 5.11 -14.46 -6.08
C VAL B 124 4.48 -15.62 -6.84
N SER B 125 4.61 -16.84 -6.30
CA SER B 125 4.02 -17.99 -6.97
C SER B 125 2.51 -17.86 -7.07
N LEU B 126 1.87 -17.37 -6.01
CA LEU B 126 0.43 -17.14 -6.06
C LEU B 126 0.10 -16.06 -7.08
N GLY B 127 0.98 -15.09 -7.26
CA GLY B 127 0.78 -14.11 -8.31
C GLY B 127 0.77 -14.72 -9.70
N ASN B 128 1.70 -15.64 -9.96
CA ASN B 128 1.67 -16.33 -11.25
C ASN B 128 0.37 -17.09 -11.44
N GLN B 129 -0.11 -17.78 -10.39
CA GLN B 129 -1.35 -18.53 -10.46
C GLN B 129 -2.53 -17.61 -10.68
N ALA B 130 -2.56 -16.47 -9.98
CA ALA B 130 -3.65 -15.53 -10.14
C ALA B 130 -3.65 -14.92 -11.52
N ASP B 131 -2.46 -14.63 -12.06
CA ASP B 131 -2.37 -14.08 -13.40
C ASP B 131 -2.99 -15.02 -14.43
N THR B 132 -2.74 -16.31 -14.27
CA THR B 132 -3.31 -17.30 -15.17
C THR B 132 -4.82 -17.29 -15.11
N LEU B 133 -5.38 -17.24 -13.89
CA LEU B 133 -6.83 -17.17 -13.72
C LEU B 133 -7.41 -15.89 -14.25
N PHE B 134 -6.72 -14.77 -14.04
CA PHE B 134 -7.22 -13.48 -14.51
C PHE B 134 -7.34 -13.49 -16.03
N THR B 135 -6.32 -13.94 -16.74
CA THR B 135 -6.39 -13.97 -18.20
C THR B 135 -7.45 -14.96 -18.66
N GLN B 136 -7.61 -16.07 -17.97
CA GLN B 136 -8.67 -17.00 -18.30
C GLN B 136 -10.03 -16.36 -18.13
N LEU B 137 -10.24 -15.64 -17.03
CA LEU B 137 -11.51 -14.96 -16.83
C LEU B 137 -11.78 -13.97 -17.94
N GLN B 138 -10.79 -13.17 -18.32
CA GLN B 138 -10.96 -12.21 -19.40
C GLN B 138 -11.42 -12.91 -20.69
N ARG B 139 -10.81 -14.05 -21.02
CA ARG B 139 -11.21 -14.75 -22.24
C ARG B 139 -12.65 -15.24 -22.14
N THR B 140 -13.01 -15.78 -20.99
CA THR B 140 -14.34 -16.33 -20.79
C THR B 140 -15.40 -15.24 -20.93
N LEU B 141 -15.09 -14.03 -20.47
CA LEU B 141 -16.05 -12.93 -20.55
C LEU B 141 -16.17 -12.41 -21.97
N THR B 142 -15.05 -12.25 -22.68
CA THR B 142 -15.10 -11.92 -24.10
C THR B 142 -16.06 -12.84 -24.85
N ASN B 143 -16.16 -14.11 -24.42
CA ASN B 143 -17.09 -15.05 -25.04
C ASN B 143 -18.53 -14.74 -24.69
N LEU B 144 -18.77 -14.17 -23.51
CA LEU B 144 -20.13 -13.83 -23.12
C LEU B 144 -20.63 -12.54 -23.75
N ASN B 145 -19.71 -11.66 -24.18
CA ASN B 145 -20.08 -10.41 -24.83
C ASN B 145 -20.36 -10.67 -26.31
N LYS B 146 -21.30 -9.89 -26.86
CA LYS B 146 -21.76 -10.16 -28.22
C LYS B 146 -20.75 -9.67 -29.27
N LYS B 147 -20.06 -8.57 -29.00
CA LYS B 147 -18.78 -8.27 -29.66
C LYS B 147 -18.25 -6.93 -29.17
N SER C 1 7.94 26.50 19.73
CA SER C 1 8.33 27.69 18.93
C SER C 1 7.84 27.51 17.50
N ASP C 2 7.78 28.61 16.75
CA ASP C 2 7.48 28.47 15.32
C ASP C 2 8.59 27.70 14.61
N ALA C 3 9.85 27.85 15.04
CA ALA C 3 10.93 27.11 14.41
C ALA C 3 10.73 25.61 14.58
N GLN C 4 10.34 25.17 15.78
CA GLN C 4 10.06 23.76 15.99
C GLN C 4 8.89 23.31 15.12
N GLU C 5 7.86 24.14 15.00
CA GLU C 5 6.68 23.81 14.19
C GLU C 5 7.06 23.63 12.73
N ILE C 6 7.83 24.59 12.19
CA ILE C 6 8.24 24.51 10.79
C ILE C 6 9.10 23.27 10.57
N LEU C 7 10.08 23.05 11.45
CA LEU C 7 10.94 21.88 11.34
C LEU C 7 10.11 20.60 11.36
N SER C 8 9.05 20.57 12.16
CA SER C 8 8.23 19.38 12.22
C SER C 8 7.50 19.15 10.90
N ARG C 9 7.04 20.23 10.26
CA ARG C 9 6.43 20.08 8.95
C ARG C 9 7.47 19.63 7.92
N LEU C 10 8.70 20.14 8.02
CA LEU C 10 9.74 19.77 7.07
C LEU C 10 10.11 18.29 7.19
N ASN C 11 10.17 17.78 8.42
CA ASN C 11 10.49 16.38 8.61
C ASN C 11 9.40 15.50 8.04
N SER C 12 8.14 15.89 8.21
CA SER C 12 7.05 15.11 7.63
C SER C 12 7.11 15.16 6.11
N VAL C 13 7.36 16.34 5.54
CA VAL C 13 7.45 16.47 4.09
C VAL C 13 8.56 15.58 3.55
N LEU C 14 9.75 15.63 4.15
CA LEU C 14 10.86 14.85 3.60
C LEU C 14 10.66 13.36 3.78
N GLU C 15 10.01 12.94 4.86
CA GLU C 15 9.69 11.54 5.05
C GLU C 15 8.74 11.07 3.96
N ALA C 16 7.70 11.86 3.69
CA ALA C 16 6.75 11.53 2.64
C ALA C 16 7.41 11.55 1.29
N ALA C 17 8.28 12.53 1.04
CA ALA C 17 8.93 12.63 -0.24
C ALA C 17 9.82 11.42 -0.51
N TRP C 18 10.52 10.91 0.49
CA TRP C 18 11.35 9.76 0.24
C TRP C 18 10.52 8.54 -0.14
N LYS C 19 9.36 8.35 0.48
CA LYS C 19 8.51 7.24 0.08
C LYS C 19 8.08 7.42 -1.37
N THR C 20 7.72 8.64 -1.74
CA THR C 20 7.28 8.88 -3.12
C THR C 20 8.44 8.66 -4.10
N ILE C 21 9.64 9.07 -3.73
CA ILE C 21 10.82 8.79 -4.56
C ILE C 21 11.01 7.29 -4.72
N LEU C 22 10.81 6.50 -3.64
CA LEU C 22 10.90 5.05 -3.80
C LEU C 22 9.88 4.55 -4.80
N ASN C 23 8.65 5.08 -4.73
CA ASN C 23 7.63 4.69 -5.69
C ASN C 23 8.00 5.10 -7.10
N LEU C 24 8.59 6.28 -7.26
CA LEU C 24 9.02 6.72 -8.57
C LEU C 24 10.10 5.80 -9.11
N ALA C 25 11.03 5.41 -8.26
CA ALA C 25 12.08 4.49 -8.70
C ALA C 25 11.49 3.14 -9.11
N SER C 26 10.54 2.60 -8.35
CA SER C 26 9.95 1.34 -8.74
C SER C 26 9.22 1.45 -10.07
N ALA C 27 8.48 2.56 -10.30
CA ALA C 27 7.76 2.72 -11.54
C ALA C 27 8.74 2.87 -12.70
N THR C 28 9.84 3.56 -12.47
CA THR C 28 10.86 3.72 -13.51
C THR C 28 11.46 2.36 -13.86
N ASP C 29 11.81 1.56 -12.84
CA ASP C 29 12.34 0.21 -13.09
C ASP C 29 11.34 -0.64 -13.85
N ALA C 30 10.07 -0.57 -13.50
CA ALA C 30 9.07 -1.36 -14.19
C ALA C 30 8.91 -0.89 -15.62
N ALA C 31 9.03 0.43 -15.86
CA ALA C 31 8.99 0.92 -17.23
C ALA C 31 10.17 0.39 -18.03
N GLU C 32 11.35 0.41 -17.43
CA GLU C 32 12.53 -0.10 -18.13
C GLU C 32 12.38 -1.57 -18.50
N LYS C 33 11.78 -2.36 -17.62
CA LYS C 33 11.56 -3.79 -17.90
C LYS C 33 10.56 -3.96 -19.03
N ALA C 34 9.47 -3.20 -19.02
CA ALA C 34 8.51 -3.29 -20.08
C ALA C 34 9.13 -2.89 -21.41
N TYR C 35 9.94 -1.84 -21.39
CA TYR C 35 10.63 -1.40 -22.61
C TYR C 35 11.54 -2.50 -23.14
N LYS C 36 12.32 -3.11 -22.26
CA LYS C 36 13.22 -4.20 -22.68
C LYS C 36 12.45 -5.38 -23.23
N GLU C 37 11.30 -5.69 -22.65
CA GLU C 37 10.48 -6.82 -23.06
C GLU C 37 9.55 -6.53 -24.23
N GLY C 38 9.52 -5.31 -24.73
CA GLY C 38 8.66 -4.99 -25.86
C GLY C 38 7.19 -4.97 -25.53
N ARG C 39 6.83 -4.70 -24.29
CA ARG C 39 5.44 -4.63 -23.88
C ARG C 39 5.00 -3.17 -23.78
N GLU C 40 4.48 -2.64 -24.88
CA GLU C 40 4.26 -1.21 -24.99
C GLU C 40 3.11 -0.74 -24.14
N GLU C 41 2.10 -1.57 -23.92
CA GLU C 41 0.99 -1.13 -23.08
C GLU C 41 1.43 -1.09 -21.62
N ASP C 42 2.18 -2.08 -21.16
CA ASP C 42 2.73 -2.01 -19.82
C ASP C 42 3.59 -0.77 -19.70
N LEU C 43 4.45 -0.53 -20.68
CA LEU C 43 5.33 0.63 -20.65
C LEU C 43 4.52 1.91 -20.50
N ALA C 44 3.47 2.06 -21.28
CA ALA C 44 2.67 3.28 -21.19
C ALA C 44 2.08 3.45 -19.80
N THR C 45 1.55 2.38 -19.21
CA THR C 45 1.00 2.45 -17.86
C THR C 45 2.06 2.85 -16.85
N TYR C 46 3.24 2.24 -16.91
CA TYR C 46 4.28 2.55 -15.94
C TYR C 46 4.80 3.97 -16.10
N LEU C 47 4.89 4.48 -17.34
CA LEU C 47 5.27 5.86 -17.51
C LEU C 47 4.23 6.79 -16.92
N ASP C 48 2.95 6.51 -17.11
CA ASP C 48 1.92 7.35 -16.48
C ASP C 48 2.06 7.32 -14.96
N GLN C 49 2.33 6.16 -14.38
CA GLN C 49 2.47 6.07 -12.94
C GLN C 49 3.70 6.80 -12.47
N ALA C 50 4.80 6.63 -13.17
CA ALA C 50 6.00 7.39 -12.87
C ALA C 50 5.71 8.88 -12.89
N ALA C 51 5.03 9.36 -13.90
CA ALA C 51 4.71 10.77 -13.99
C ALA C 51 3.86 11.22 -12.82
N SER C 52 2.97 10.38 -12.34
CA SER C 52 2.17 10.76 -11.19
C SER C 52 3.06 10.96 -9.99
N TYR C 53 3.98 10.04 -9.73
CA TYR C 53 4.85 10.19 -8.58
C TYR C 53 5.77 11.37 -8.79
N GLN C 54 6.25 11.57 -10.00
CA GLN C 54 7.10 12.72 -10.29
C GLN C 54 6.41 14.02 -9.94
N SER C 55 5.15 14.14 -10.31
CA SER C 55 4.40 15.37 -9.98
C SER C 55 4.30 15.55 -8.47
N GLN C 56 4.21 14.47 -7.72
CA GLN C 56 4.16 14.56 -6.27
C GLN C 56 5.52 14.92 -5.69
N VAL C 57 6.61 14.38 -6.21
CA VAL C 57 7.94 14.80 -5.76
C VAL C 57 8.10 16.29 -6.00
N ASP C 58 7.68 16.76 -7.16
CA ASP C 58 7.83 18.18 -7.48
C ASP C 58 7.13 19.03 -6.42
N GLN C 59 5.94 18.64 -6.01
CA GLN C 59 5.22 19.41 -5.01
C GLN C 59 5.89 19.33 -3.66
N TYR C 60 6.40 18.16 -3.26
CA TYR C 60 7.14 18.12 -2.00
C TYR C 60 8.35 19.04 -2.07
N ALA C 61 9.00 19.13 -3.22
CA ALA C 61 10.17 19.98 -3.33
C ALA C 61 9.76 21.46 -3.23
N VAL C 62 8.63 21.83 -3.82
CA VAL C 62 8.10 23.19 -3.67
C VAL C 62 7.86 23.50 -2.20
N GLU C 63 7.19 22.60 -1.50
CA GLU C 63 6.84 22.80 -0.10
C GLU C 63 8.10 22.95 0.74
N THR C 64 9.12 22.18 0.44
CA THR C 64 10.37 22.22 1.19
C THR C 64 11.06 23.56 1.02
N VAL C 65 11.10 24.09 -0.19
CA VAL C 65 11.65 25.43 -0.41
C VAL C 65 10.88 26.46 0.40
N ARG C 66 9.55 26.43 0.33
CA ARG C 66 8.76 27.40 1.07
C ARG C 66 9.03 27.30 2.55
N LEU C 67 9.06 26.10 3.09
CA LEU C 67 9.21 25.93 4.53
C LEU C 67 10.58 26.37 5.01
N LEU C 68 11.63 26.07 4.24
CA LEU C 68 12.97 26.49 4.63
C LEU C 68 13.10 28.01 4.61
N ALA C 69 12.47 28.68 3.66
CA ALA C 69 12.46 30.14 3.68
C ALA C 69 11.73 30.68 4.90
N GLU C 70 10.62 30.05 5.28
CA GLU C 70 9.90 30.45 6.47
C GLU C 70 10.76 30.24 7.71
N LEU C 71 11.46 29.12 7.78
CA LEU C 71 12.38 28.87 8.88
C LEU C 71 13.43 29.97 8.99
N LYS C 72 14.03 30.37 7.87
CA LYS C 72 15.06 31.39 7.88
C LYS C 72 14.56 32.71 8.47
N LYS C 73 13.27 33.01 8.32
CA LYS C 73 12.76 34.27 8.85
C LYS C 73 12.67 34.23 10.37
N VAL C 74 12.16 33.15 10.93
CA VAL C 74 11.97 33.08 12.37
C VAL C 74 13.22 32.62 13.10
N PHE C 75 14.09 31.85 12.44
CA PHE C 75 15.23 31.20 13.09
C PHE C 75 16.41 31.21 12.14
N PRO C 76 16.99 32.38 11.90
CA PRO C 76 18.17 32.45 11.04
C PRO C 76 19.27 31.51 11.54
N ASP C 77 19.94 30.88 10.59
CA ASP C 77 20.86 29.79 10.93
C ASP C 77 21.62 29.37 9.68
N GLU C 78 22.94 29.21 9.80
CA GLU C 78 23.76 28.82 8.67
C GLU C 78 23.19 27.59 7.99
N GLU C 79 22.72 26.64 8.78
CA GLU C 79 22.23 25.38 8.23
C GLU C 79 20.97 25.60 7.41
N ALA C 80 20.08 26.48 7.88
CA ALA C 80 18.86 26.75 7.13
C ALA C 80 19.15 27.37 5.77
N ASP C 81 20.08 28.32 5.72
CA ASP C 81 20.50 28.87 4.44
C ASP C 81 21.00 27.77 3.52
N ARG C 82 21.87 26.91 4.06
CA ARG C 82 22.45 25.84 3.27
C ARG C 82 21.37 24.90 2.77
N ALA C 83 20.46 24.49 3.67
CA ALA C 83 19.37 23.62 3.27
C ALA C 83 18.53 24.26 2.17
N LEU C 84 18.20 25.53 2.32
CA LEU C 84 17.36 26.18 1.31
C LEU C 84 18.04 26.14 -0.04
N GLN C 85 19.35 26.35 -0.09
CA GLN C 85 20.02 26.34 -1.39
C GLN C 85 20.00 24.94 -1.99
N ILE C 86 20.16 23.90 -1.18
CA ILE C 86 20.10 22.53 -1.70
C ILE C 86 18.68 22.25 -2.19
N ALA C 87 17.70 22.62 -1.39
CA ALA C 87 16.31 22.40 -1.77
C ALA C 87 15.95 23.11 -3.06
N GLU C 88 16.51 24.30 -3.30
CA GLU C 88 16.22 25.02 -4.52
C GLU C 88 16.87 24.35 -5.73
N LYS C 89 18.07 23.79 -5.54
CA LYS C 89 18.72 23.04 -6.60
C LYS C 89 17.96 21.75 -6.89
N LEU C 90 17.49 21.07 -5.84
CA LEU C 90 16.67 19.89 -6.03
C LEU C 90 15.41 20.22 -6.80
N LEU C 91 14.74 21.31 -6.44
CA LEU C 91 13.52 21.69 -7.15
C LEU C 91 13.79 21.87 -8.64
N LYS C 92 14.87 22.57 -8.99
CA LYS C 92 15.21 22.71 -10.41
C LYS C 92 15.47 21.36 -11.06
N THR C 93 16.16 20.47 -10.34
CA THR C 93 16.52 19.17 -10.91
C THR C 93 15.28 18.32 -11.12
N VAL C 94 14.37 18.29 -10.15
CA VAL C 94 13.19 17.46 -10.31
C VAL C 94 12.28 18.02 -11.40
N GLN C 95 12.27 19.34 -11.60
CA GLN C 95 11.49 19.89 -12.69
C GLN C 95 12.10 19.47 -14.02
N GLU C 96 13.44 19.47 -14.09
CA GLU C 96 14.10 19.00 -15.30
C GLU C 96 13.77 17.53 -15.55
N ALA C 97 13.76 16.73 -14.50
CA ALA C 97 13.39 15.32 -14.65
C ALA C 97 11.96 15.19 -15.13
N SER C 98 11.07 16.04 -14.63
CA SER C 98 9.69 16.02 -15.07
C SER C 98 9.58 16.31 -16.56
N LYS C 99 10.31 17.31 -17.03
CA LYS C 99 10.29 17.63 -18.45
C LYS C 99 10.81 16.44 -19.26
N THR C 100 11.90 15.83 -18.81
CA THR C 100 12.46 14.70 -19.55
C THR C 100 11.49 13.53 -19.57
N LEU C 101 10.83 13.27 -18.45
CA LEU C 101 9.83 12.20 -18.41
C LEU C 101 8.67 12.50 -19.35
N ASP C 102 8.26 13.77 -19.44
CA ASP C 102 7.21 14.15 -20.38
C ASP C 102 7.65 13.85 -21.80
N THR C 103 8.90 14.15 -22.12
CA THR C 103 9.45 13.83 -23.43
C THR C 103 9.40 12.33 -23.68
N ALA C 104 9.69 11.53 -22.65
CA ALA C 104 9.60 10.09 -22.81
C ALA C 104 8.17 9.63 -23.00
N VAL C 105 7.23 10.22 -22.27
CA VAL C 105 5.83 9.90 -22.43
C VAL C 105 5.39 10.16 -23.87
N ALA C 106 5.74 11.32 -24.39
CA ALA C 106 5.31 11.67 -25.73
C ALA C 106 5.98 10.79 -26.76
N ALA C 107 7.23 10.42 -26.52
CA ALA C 107 7.95 9.58 -27.46
C ALA C 107 7.33 8.19 -27.50
N ALA C 108 6.96 7.64 -26.34
CA ALA C 108 6.28 6.35 -26.33
C ALA C 108 4.94 6.45 -27.04
N ALA C 109 4.20 7.53 -26.78
CA ALA C 109 2.92 7.74 -27.41
C ALA C 109 3.05 7.84 -28.92
N ASN C 110 4.11 8.47 -29.41
CA ASN C 110 4.33 8.63 -30.83
C ASN C 110 4.96 7.41 -31.45
N GLY C 111 5.38 6.44 -30.65
CA GLY C 111 6.13 5.29 -31.12
C GLY C 111 7.49 5.64 -31.70
N ASP C 112 8.23 6.51 -31.02
CA ASP C 112 9.54 6.99 -31.48
C ASP C 112 10.56 6.46 -30.48
N GLU C 113 11.08 5.27 -30.77
CA GLU C 113 11.98 4.60 -29.83
C GLU C 113 13.26 5.41 -29.62
N GLU C 114 13.78 6.02 -30.67
CA GLU C 114 15.05 6.74 -30.53
C GLU C 114 14.90 7.94 -29.60
N THR C 115 13.85 8.73 -29.80
CA THR C 115 13.58 9.84 -28.87
C THR C 115 13.29 9.32 -27.47
N PHE C 116 12.55 8.20 -27.37
CA PHE C 116 12.22 7.66 -26.06
C PHE C 116 13.46 7.25 -25.31
N ALA C 117 14.35 6.50 -25.98
CA ALA C 117 15.51 5.93 -25.29
C ALA C 117 16.42 7.02 -24.78
N LYS C 118 16.59 8.08 -25.57
CA LYS C 118 17.43 9.18 -25.11
C LYS C 118 16.79 9.87 -23.91
N ALA C 119 15.49 10.17 -23.99
CA ALA C 119 14.84 10.81 -22.85
C ALA C 119 14.87 9.94 -21.60
N PHE C 120 14.61 8.64 -21.74
CA PHE C 120 14.57 7.76 -20.58
C PHE C 120 15.95 7.65 -19.93
N ASN C 121 17.01 7.54 -20.72
CA ASN C 121 18.33 7.53 -20.11
C ASN C 121 18.64 8.84 -19.41
N GLN C 122 18.24 9.97 -20.00
CA GLN C 122 18.44 11.26 -19.35
C GLN C 122 17.66 11.37 -18.06
N PHE C 123 16.44 10.84 -18.06
CA PHE C 123 15.64 10.82 -16.84
C PHE C 123 16.38 10.09 -15.73
N VAL C 124 16.89 8.90 -16.02
CA VAL C 124 17.61 8.17 -14.98
C VAL C 124 18.83 8.94 -14.52
N SER C 125 19.54 9.59 -15.44
CA SER C 125 20.72 10.35 -15.03
C SER C 125 20.33 11.49 -14.11
N LEU C 126 19.23 12.19 -14.44
CA LEU C 126 18.76 13.23 -13.53
C LEU C 126 18.34 12.65 -12.19
N GLY C 127 17.74 11.46 -12.19
CA GLY C 127 17.41 10.83 -10.93
C GLY C 127 18.62 10.58 -10.05
N ASN C 128 19.73 10.14 -10.65
CA ASN C 128 20.95 9.98 -9.85
C ASN C 128 21.41 11.32 -9.27
N GLN C 129 21.33 12.39 -10.08
CA GLN C 129 21.70 13.72 -9.58
C GLN C 129 20.76 14.16 -8.47
N ALA C 130 19.45 13.94 -8.66
CA ALA C 130 18.48 14.34 -7.65
C ALA C 130 18.65 13.54 -6.38
N ASP C 131 18.95 12.25 -6.52
CA ASP C 131 19.16 11.42 -5.35
C ASP C 131 20.31 11.95 -4.52
N THR C 132 21.40 12.35 -5.17
CA THR C 132 22.53 12.93 -4.42
C THR C 132 22.09 14.19 -3.69
N LEU C 133 21.37 15.09 -4.38
CA LEU C 133 20.90 16.29 -3.72
C LEU C 133 19.98 15.98 -2.57
N PHE C 134 19.11 14.98 -2.74
CA PHE C 134 18.19 14.63 -1.67
C PHE C 134 18.95 14.11 -0.46
N THR C 135 19.98 13.30 -0.70
CA THR C 135 20.84 12.83 0.38
C THR C 135 21.46 14.02 1.10
N GLN C 136 22.05 14.94 0.34
CA GLN C 136 22.62 16.16 0.92
C GLN C 136 21.59 16.95 1.71
N LEU C 137 20.36 17.05 1.18
CA LEU C 137 19.33 17.77 1.91
C LEU C 137 18.98 17.08 3.20
N GLN C 138 18.88 15.74 3.17
CA GLN C 138 18.52 15.01 4.37
C GLN C 138 19.56 15.22 5.46
N ARG C 139 20.83 15.14 5.10
CA ARG C 139 21.91 15.34 6.07
C ARG C 139 21.83 16.74 6.66
N THR C 140 21.58 17.74 5.82
CA THR C 140 21.44 19.11 6.34
C THR C 140 20.27 19.23 7.30
N LEU C 141 19.17 18.53 7.02
CA LEU C 141 18.03 18.61 7.92
C LEU C 141 18.34 17.92 9.24
N THR C 142 19.03 16.78 9.19
CA THR C 142 19.46 16.14 10.43
C THR C 142 20.28 17.09 11.28
N ASN C 143 21.23 17.79 10.66
CA ASN C 143 22.05 18.75 11.38
C ASN C 143 21.24 19.94 11.87
N LEU C 144 20.07 20.16 11.28
CA LEU C 144 19.18 21.23 11.70
C LEU C 144 18.33 20.80 12.89
N ASN C 145 17.96 19.52 12.96
CA ASN C 145 17.20 19.02 14.08
C ASN C 145 18.03 18.94 15.35
N LYS C 146 19.35 18.93 15.22
CA LYS C 146 20.26 18.90 16.35
C LYS C 146 20.70 20.30 16.79
N LYS C 147 19.96 21.32 16.38
CA LYS C 147 20.27 22.72 16.73
C LYS C 147 19.08 23.38 17.41
O1 RPB D . -8.48 -5.16 13.44
C7 RPB D . -9.46 -5.52 14.12
N1 RPB D . -10.33 -6.39 13.49
C8 RPB D . -11.31 -6.99 13.92
C9 RPB D . -12.74 -6.16 14.13
C10 RPB D . -12.31 -5.34 15.70
C5 RPB D . -10.72 -4.98 15.90
C4 RPB D . -9.62 -5.10 15.23
C3 RPB D . -8.45 -4.56 15.97
C2 RPB D . -8.63 -4.01 17.27
F1 RPB D . -7.49 -3.57 17.88
C1 RPB D . -9.79 -3.96 17.89
C6 RPB D . -10.82 -4.41 17.29
N2 RPB D . -12.17 -4.48 17.62
C11 RPB D . -12.94 -5.00 16.75
C12 RPB D . -14.44 -5.24 16.92
C14 RPB D . -14.82 -5.60 18.20
C15 RPB D . -16.16 -5.90 18.45
C13 RPB D . -15.40 -5.21 15.91
C17 RPB D . -16.75 -5.50 16.18
C16 RPB D . -17.13 -5.86 17.46
C18 RPB D . -18.61 -6.19 17.73
N3 RPB D . -19.28 -5.03 18.32
C19 RPB D . -20.56 -5.43 18.91
H1 RPB D . -10.15 -6.55 12.66
H81C RPB D . -11.07 -7.35 14.79
H82C RPB D . -11.49 -7.71 13.30
H91C RPB D . -12.91 -5.53 13.41
H92C RPB D . -13.50 -6.77 14.22
H3 RPB D . -7.61 -4.57 15.58
HA RPB D . -9.85 -3.60 18.74
H2 RPB D . -12.40 -4.56 18.48
H14 RPB D . -14.20 -5.64 18.88
H13 RPB D . -15.15 -4.97 15.05
H15 RPB D . -16.41 -6.14 19.31
H17 RPB D . -17.38 -5.45 15.49
H181 RPB D . -18.66 -6.94 18.34
H182 RPB D . -19.04 -6.42 16.90
HB RPB D . -18.77 -4.69 18.96
H191 RPB D . -21.14 -5.82 18.22
H192 RPB D . -20.42 -6.09 19.60
H193 RPB D . -21.00 -4.66 19.29
H43 RPB D . -19.43 -4.43 17.68
O1 RPB E . -3.37 -10.23 -6.23
C7 RPB E . -2.31 -10.67 -6.71
N1 RPB E . -1.31 -10.89 -5.77
C8 RPB E . -0.21 -11.39 -5.84
C9 RPB E . 0.99 -10.56 -6.59
C10 RPB E . 0.52 -10.77 -8.34
C5 RPB E . -1.10 -10.87 -8.61
C4 RPB E . -2.18 -10.83 -7.90
C3 RPB E . -3.42 -11.00 -8.72
C2 RPB E . -3.26 -11.16 -10.12
F1 RPB E . -4.44 -11.33 -10.79
C1 RPB E . -2.12 -11.20 -10.79
C6 RPB E . -1.04 -11.05 -10.12
N2 RPB E . 0.30 -11.03 -10.41
C11 RPB E . 1.12 -10.87 -9.46
C12 RPB E . 2.63 -10.90 -9.58
C14 RPB E . 3.16 -11.78 -10.53
C15 RPB E . 4.53 -11.91 -10.67
C13 RPB E . 3.50 -10.19 -8.78
C17 RPB E . 4.88 -10.31 -8.92
C16 RPB E . 5.40 -11.18 -9.89
C18 RPB E . 6.90 -11.34 -10.09
N3 RPB E . 7.38 -10.51 -11.16
C19 RPB E . 8.71 -10.99 -11.58
H1 RPB E . -1.52 -10.63 -4.97
H81C RPB E . -0.31 -12.22 -6.32
H82C RPB E . 0.08 -11.56 -4.94
H91C RPB E . 1.00 -9.62 -6.33
H92C RPB E . 1.86 -10.95 -6.40
H3 RPB E . -4.26 -10.99 -8.34
HA RPB E . -2.11 -11.32 -11.71
H2 RPB E . 0.58 -11.50 -11.12
H14 RPB E . 2.58 -12.29 -11.05
H13 RPB E . 3.16 -9.61 -8.14
H15 RPB E . 4.87 -12.49 -11.31
H17 RPB E . 5.45 -9.83 -8.37
H181 RPB E . 7.08 -12.27 -10.30
H182 RPB E . 7.35 -11.10 -9.27
HB RPB E . 7.45 -9.67 -10.88
H191 RPB E . 9.05 -10.41 -12.27
H192 RPB E . 8.63 -11.90 -11.92
H193 RPB E . 9.30 -10.97 -10.82
H43 RPB E . 6.82 -10.55 -11.85
O1 RPB F . 12.17 13.50 -8.85
C7 RPB F . 13.05 12.68 -9.20
N1 RPB F . 13.03 12.30 -10.51
C8 RPB F . 13.75 11.60 -11.19
C9 RPB F . 13.63 9.97 -11.00
C10 RPB F . 14.54 9.80 -9.42
C5 RPB F . 14.43 11.07 -8.38
C4 RPB F . 13.81 12.20 -8.36
C3 RPB F . 14.06 12.95 -7.10
C2 RPB F . 14.91 12.41 -6.13
F1 RPB F . 15.08 13.18 -5.02
C1 RPB F . 15.50 11.23 -6.22
C6 RPB F . 15.30 10.52 -7.28
N2 RPB F . 15.72 9.29 -7.77
C11 RPB F . 15.31 8.91 -8.90
C12 RPB F . 15.68 7.61 -9.62
C14 RPB F . 17.03 7.26 -9.54
C15 RPB F . 17.45 6.12 -10.19
C13 RPB F . 14.80 6.87 -10.41
C17 RPB F . 15.24 5.72 -11.05
C16 RPB F . 16.58 5.36 -10.94
C18 RPB F . 17.10 4.10 -11.65
N3 RPB F . 17.07 3.02 -10.67
C19 RPB F . 17.92 1.91 -11.07
H1 RPB F . 12.38 12.64 -10.95
H81C RPB F . 13.55 11.80 -12.12
H82C RPB F . 14.67 11.85 -10.99
H91C RPB F . 14.06 9.49 -11.72
H92C RPB F . 12.71 9.68 -10.92
H3 RPB F . 13.67 13.79 -6.96
HA RPB F . 16.05 10.92 -5.53
H2 RPB F . 15.91 8.65 -7.17
H14 RPB F . 17.63 7.78 -9.07
H13 RPB F . 13.92 7.15 -10.51
H15 RPB F . 18.34 5.87 -10.12
H17 RPB F . 14.65 5.21 -11.55
H181 RPB F . 18.01 4.24 -11.95
H182 RPB F . 16.53 3.89 -12.40
HB RPB F . 16.23 2.73 -10.59
H191 RPB F . 17.89 1.22 -10.38
H192 RPB F . 18.84 2.22 -11.16
H193 RPB F . 17.60 1.55 -11.90
H43 RPB F . 17.35 3.34 -9.89
#